data_6LX7
#
_entry.id   6LX7
#
_cell.length_a   44.782
_cell.length_b   61.452
_cell.length_c   52.971
_cell.angle_alpha   90.000
_cell.angle_beta   106.520
_cell.angle_gamma   90.000
#
_symmetry.space_group_name_H-M   'P 1 21 1'
#
loop_
_entity.id
_entity.type
_entity.pdbx_description
1 polymer 'Peroxisome proliferator-activated receptor alpha'
2 non-polymer GLYCEROL
3 non-polymer 'STEARIC ACID'
4 water water
#
_entity_poly.entity_id   1
_entity_poly.type   'polypeptide(L)'
_entity_poly.pdbx_seq_one_letter_code
;GSHMTADLKSLAKRIYEAYLKNFNMNKVKARVILSGKASNNPPFVIHDMETLCMAEKTLVAKLVANGIQNKEAEVRIFHC
CQCTSVETVTELTEFAKAIPGFANLDLNDQVTLLKYGVYEAIFAMLSSVMNKDGMLVAYGNGFITREFLKSLRKPFCDIM
EPKFDFAMKFNALELDDSDISLFVAAIICCGDRPGLLNVGHIEKMQEGIVHVLRLHLQSNHPDDIFLFPKLLQKMADLRQ
LVTEHAQLVQIIKKTESDAALHPLLQEIYRDMY
;
_entity_poly.pdbx_strand_id   A
#
loop_
_chem_comp.id
_chem_comp.type
_chem_comp.name
_chem_comp.formula
GOL non-polymer GLYCEROL 'C3 H8 O3'
STE non-polymer 'STEARIC ACID' 'C18 H36 O2'
#
# COMPACT_ATOMS: atom_id res chain seq x y z
N MET A 4 -0.40 17.52 -32.12
CA MET A 4 0.88 17.77 -31.47
C MET A 4 0.74 18.12 -29.99
N THR A 5 -0.09 17.35 -29.28
CA THR A 5 -0.30 17.53 -27.86
C THR A 5 -0.11 16.18 -27.17
N ALA A 6 0.18 16.25 -25.88
CA ALA A 6 0.28 15.04 -25.07
C ALA A 6 -0.98 14.21 -25.21
N ASP A 7 -0.80 12.88 -25.28
CA ASP A 7 -1.93 11.94 -25.36
C ASP A 7 -2.16 11.40 -23.95
N LEU A 8 -3.09 12.03 -23.25
CA LEU A 8 -3.33 11.70 -21.85
C LEU A 8 -4.01 10.35 -21.69
N LYS A 9 -4.86 9.96 -22.65
CA LYS A 9 -5.45 8.62 -22.58
C LYS A 9 -4.36 7.56 -22.70
N SER A 10 -3.42 7.75 -23.61
CA SER A 10 -2.34 6.79 -23.74
C SER A 10 -1.48 6.74 -22.48
N LEU A 11 -1.23 7.91 -21.86
N LEU A 11 -1.23 7.91 -21.86
CA LEU A 11 -0.45 7.92 -20.63
CA LEU A 11 -0.45 7.93 -20.64
C LEU A 11 -1.18 7.17 -19.52
C LEU A 11 -1.17 7.20 -19.51
N ALA A 12 -2.49 7.37 -19.41
CA ALA A 12 -3.25 6.63 -18.41
C ALA A 12 -3.10 5.14 -18.63
N LYS A 13 -3.16 4.69 -19.89
CA LYS A 13 -3.05 3.26 -20.16
C LYS A 13 -1.65 2.75 -19.87
N ARG A 14 -0.61 3.56 -20.14
CA ARG A 14 0.75 3.17 -19.78
C ARG A 14 0.88 2.94 -18.28
N ILE A 15 0.34 3.87 -17.49
N ILE A 15 0.32 3.84 -17.49
CA ILE A 15 0.39 3.75 -16.04
CA ILE A 15 0.44 3.70 -16.04
C ILE A 15 -0.33 2.48 -15.60
C ILE A 15 -0.36 2.50 -15.54
N TYR A 16 -1.54 2.27 -16.12
CA TYR A 16 -2.30 1.06 -15.78
C TYR A 16 -1.51 -0.21 -16.10
N GLU A 17 -0.91 -0.27 -17.28
CA GLU A 17 -0.18 -1.47 -17.64
C GLU A 17 1.02 -1.67 -16.74
N ALA A 18 1.70 -0.58 -16.34
CA ALA A 18 2.83 -0.72 -15.42
C ALA A 18 2.37 -1.22 -14.07
N TYR A 19 1.17 -0.84 -13.65
N TYR A 19 1.18 -0.79 -13.62
CA TYR A 19 0.65 -1.31 -12.37
CA TYR A 19 0.61 -1.29 -12.38
C TYR A 19 0.32 -2.80 -12.43
C TYR A 19 0.40 -2.80 -12.48
N LEU A 20 -0.26 -3.24 -13.54
CA LEU A 20 -0.54 -4.67 -13.70
C LEU A 20 0.73 -5.48 -13.74
N LYS A 21 1.79 -4.93 -14.36
CA LYS A 21 3.06 -5.63 -14.46
C LYS A 21 3.77 -5.72 -13.13
N ASN A 22 3.73 -4.67 -12.31
CA ASN A 22 4.66 -4.54 -11.20
C ASN A 22 4.10 -4.98 -9.85
N PHE A 23 2.78 -4.99 -9.66
CA PHE A 23 2.23 -5.38 -8.36
C PHE A 23 1.73 -6.82 -8.41
N ASN A 24 2.14 -7.61 -7.40
CA ASN A 24 1.74 -9.00 -7.40
C ASN A 24 0.25 -9.16 -7.21
N MET A 25 -0.38 -8.20 -6.55
CA MET A 25 -1.80 -8.21 -6.27
C MET A 25 -2.46 -7.04 -6.97
N ASN A 26 -3.62 -7.31 -7.52
CA ASN A 26 -4.44 -6.23 -8.08
C ASN A 26 -5.87 -6.52 -7.70
N LYS A 27 -6.75 -5.57 -7.99
CA LYS A 27 -8.11 -5.69 -7.45
C LYS A 27 -8.87 -6.84 -8.10
N VAL A 28 -8.71 -7.06 -9.41
CA VAL A 28 -9.35 -8.21 -10.04
C VAL A 28 -8.85 -9.52 -9.44
N LYS A 29 -7.53 -9.67 -9.32
CA LYS A 29 -6.99 -10.91 -8.76
C LYS A 29 -7.52 -11.14 -7.35
N ALA A 30 -7.56 -10.08 -6.55
CA ALA A 30 -8.05 -10.19 -5.18
C ALA A 30 -9.51 -10.58 -5.13
N ARG A 31 -10.33 -9.97 -6.00
CA ARG A 31 -11.75 -10.27 -5.98
C ARG A 31 -12.03 -11.71 -6.39
N VAL A 32 -11.26 -12.24 -7.36
CA VAL A 32 -11.43 -13.65 -7.74
C VAL A 32 -11.20 -14.54 -6.53
N ILE A 33 -10.13 -14.28 -5.75
CA ILE A 33 -9.85 -15.09 -4.58
C ILE A 33 -10.94 -14.92 -3.55
N LEU A 34 -11.31 -13.67 -3.26
CA LEU A 34 -12.28 -13.38 -2.20
C LEU A 34 -13.65 -13.94 -2.53
N SER A 35 -13.96 -14.15 -3.82
CA SER A 35 -15.25 -14.66 -4.25
C SER A 35 -15.42 -16.13 -3.88
N GLY A 36 -14.32 -16.87 -3.77
CA GLY A 36 -14.39 -18.30 -3.55
C GLY A 36 -14.32 -19.04 -4.87
N SER A 39 -10.09 -22.29 -7.51
CA SER A 39 -10.30 -23.68 -7.14
C SER A 39 -9.00 -24.41 -6.78
N ASN A 40 -7.85 -23.84 -7.14
CA ASN A 40 -6.55 -24.44 -6.82
C ASN A 40 -5.88 -23.51 -5.81
N ASN A 41 -5.32 -24.08 -4.75
CA ASN A 41 -4.67 -23.30 -3.71
C ASN A 41 -5.54 -22.13 -3.21
N PRO A 42 -6.75 -22.43 -2.72
CA PRO A 42 -7.58 -21.41 -2.07
C PRO A 42 -6.93 -20.90 -0.80
N PRO A 43 -7.34 -19.73 -0.32
CA PRO A 43 -6.66 -19.15 0.83
C PRO A 43 -6.98 -19.88 2.13
N PHE A 44 -5.96 -20.01 2.97
N PHE A 44 -5.92 -20.07 2.93
CA PHE A 44 -6.21 -20.60 4.26
CA PHE A 44 -6.05 -20.52 4.32
C PHE A 44 -6.69 -19.54 5.25
C PHE A 44 -6.79 -19.45 5.12
N VAL A 45 -7.82 -19.83 5.88
CA VAL A 45 -8.51 -18.88 6.75
C VAL A 45 -7.87 -18.86 8.13
N ILE A 46 -7.40 -17.69 8.54
CA ILE A 46 -6.77 -17.49 9.84
C ILE A 46 -7.78 -16.68 10.66
N HIS A 47 -8.45 -17.35 11.59
CA HIS A 47 -9.47 -16.70 12.40
C HIS A 47 -9.20 -16.84 13.89
N ASP A 48 -8.15 -17.56 14.28
CA ASP A 48 -7.87 -17.79 15.69
C ASP A 48 -6.43 -18.27 15.78
N MET A 49 -5.97 -18.52 17.01
N MET A 49 -5.99 -18.54 17.00
CA MET A 49 -4.57 -18.91 17.18
CA MET A 49 -4.60 -18.92 17.21
C MET A 49 -4.27 -20.27 16.55
C MET A 49 -4.28 -20.26 16.55
N GLU A 50 -5.20 -21.23 16.66
CA GLU A 50 -4.96 -22.54 16.04
C GLU A 50 -4.71 -22.39 14.54
N THR A 51 -5.58 -21.63 13.86
CA THR A 51 -5.43 -21.50 12.42
C THR A 51 -4.27 -20.59 12.03
N LEU A 52 -3.93 -19.57 12.83
CA LEU A 52 -2.69 -18.85 12.59
C LEU A 52 -1.50 -19.82 12.56
N CYS A 53 -1.44 -20.69 13.57
CA CYS A 53 -0.26 -21.55 13.67
C CYS A 53 -0.21 -22.57 12.56
N MET A 54 -1.36 -23.10 12.16
CA MET A 54 -1.43 -23.99 11.00
C MET A 54 -0.94 -23.26 9.74
N ALA A 55 -1.43 -22.04 9.52
CA ALA A 55 -1.06 -21.32 8.31
C ALA A 55 0.43 -21.04 8.28
N GLU A 56 1.00 -20.65 9.41
CA GLU A 56 2.44 -20.40 9.48
C GLU A 56 3.22 -21.65 9.12
N LYS A 57 2.80 -22.81 9.63
CA LYS A 57 3.59 -24.01 9.37
C LYS A 57 3.59 -24.34 7.89
N THR A 58 2.53 -23.98 7.16
CA THR A 58 2.52 -24.25 5.73
C THR A 58 3.12 -23.11 4.92
N LEU A 59 2.86 -21.85 5.28
CA LEU A 59 3.15 -20.74 4.39
C LEU A 59 4.42 -19.98 4.73
N VAL A 60 4.84 -19.99 6.00
CA VAL A 60 6.08 -19.30 6.41
C VAL A 60 6.83 -20.22 7.37
N ALA A 61 7.14 -21.43 6.92
CA ALA A 61 7.56 -22.47 7.86
C ALA A 61 8.83 -22.07 8.62
N LYS A 62 9.77 -21.39 7.96
N LYS A 62 9.77 -21.39 7.96
CA LYS A 62 11.01 -21.00 8.60
CA LYS A 62 11.03 -21.01 8.60
C LYS A 62 10.75 -20.19 9.86
C LYS A 62 10.79 -20.15 9.84
N LEU A 63 9.73 -19.35 9.83
CA LEU A 63 9.45 -18.46 10.95
C LEU A 63 9.04 -19.19 12.22
N VAL A 64 8.53 -20.41 12.11
CA VAL A 64 8.05 -21.17 13.25
C VAL A 64 8.83 -22.47 13.45
N ALA A 65 10.01 -22.55 12.83
CA ALA A 65 10.86 -23.73 12.90
C ALA A 65 11.83 -23.71 14.07
N ASN A 66 11.59 -22.84 15.05
CA ASN A 66 12.56 -22.60 16.11
C ASN A 66 12.15 -23.21 17.46
N GLY A 67 11.05 -23.94 17.52
CA GLY A 67 10.66 -24.54 18.80
C GLY A 67 10.40 -23.48 19.86
N ILE A 68 10.91 -23.73 21.06
CA ILE A 68 10.70 -22.83 22.20
C ILE A 68 11.19 -21.43 21.87
N GLN A 69 12.10 -21.31 20.90
CA GLN A 69 12.67 -20.02 20.52
C GLN A 69 11.82 -19.25 19.52
N ASN A 70 10.75 -19.83 18.98
CA ASN A 70 9.85 -19.05 18.15
C ASN A 70 9.40 -17.81 18.91
N LYS A 71 9.21 -16.70 18.19
CA LYS A 71 8.74 -15.48 18.82
C LYS A 71 7.25 -15.58 19.12
N GLU A 72 6.77 -14.67 19.96
CA GLU A 72 5.35 -14.56 20.30
C GLU A 72 4.51 -14.37 19.04
N ALA A 73 3.28 -14.91 19.05
CA ALA A 73 2.44 -14.85 17.86
C ALA A 73 2.33 -13.43 17.30
N GLU A 74 2.10 -12.43 18.15
CA GLU A 74 1.92 -11.06 17.68
C GLU A 74 3.18 -10.55 17.00
N VAL A 75 4.35 -10.93 17.50
CA VAL A 75 5.60 -10.51 16.90
C VAL A 75 5.82 -11.21 15.55
N ARG A 76 5.47 -12.49 15.45
CA ARG A 76 5.51 -13.19 14.16
C ARG A 76 4.60 -12.51 13.15
N ILE A 77 3.39 -12.15 13.56
CA ILE A 77 2.47 -11.44 12.66
C ILE A 77 3.07 -10.12 12.22
N PHE A 78 3.65 -9.36 13.16
CA PHE A 78 4.24 -8.08 12.81
C PHE A 78 5.40 -8.27 11.85
N HIS A 79 6.17 -9.36 12.01
CA HIS A 79 7.24 -9.63 11.07
C HIS A 79 6.68 -9.86 9.67
N CYS A 80 5.59 -10.61 9.57
CA CYS A 80 4.94 -10.85 8.29
C CYS A 80 4.37 -9.57 7.70
N CYS A 81 3.84 -8.69 8.54
CA CYS A 81 3.43 -7.37 8.04
C CYS A 81 4.59 -6.66 7.39
N GLN A 82 5.75 -6.66 8.05
CA GLN A 82 6.91 -5.97 7.53
C GLN A 82 7.38 -6.57 6.23
N CYS A 83 7.38 -7.90 6.13
CA CYS A 83 7.82 -8.50 4.87
C CYS A 83 6.91 -8.07 3.74
N THR A 84 5.61 -7.95 4.01
CA THR A 84 4.69 -7.49 2.99
C THR A 84 5.04 -6.06 2.56
N SER A 85 5.33 -5.18 3.52
CA SER A 85 5.69 -3.80 3.18
C SER A 85 6.96 -3.76 2.36
N VAL A 86 7.99 -4.52 2.75
CA VAL A 86 9.24 -4.52 2.01
C VAL A 86 8.99 -4.91 0.56
N GLU A 87 8.15 -5.91 0.33
CA GLU A 87 7.86 -6.33 -1.03
C GLU A 87 7.11 -5.25 -1.79
N THR A 88 6.12 -4.63 -1.16
CA THR A 88 5.37 -3.59 -1.85
C THR A 88 6.25 -2.37 -2.13
N VAL A 89 7.18 -2.04 -1.24
CA VAL A 89 8.12 -0.96 -1.51
C VAL A 89 8.93 -1.27 -2.78
N THR A 90 9.40 -2.52 -2.93
CA THR A 90 10.14 -2.89 -4.12
C THR A 90 9.28 -2.74 -5.37
N GLU A 91 8.02 -3.17 -5.31
CA GLU A 91 7.14 -3.06 -6.47
C GLU A 91 6.89 -1.60 -6.80
N LEU A 92 6.68 -0.75 -5.78
CA LEU A 92 6.42 0.66 -6.01
C LEU A 92 7.62 1.35 -6.64
N THR A 93 8.82 0.93 -6.25
CA THR A 93 10.01 1.58 -6.77
C THR A 93 10.17 1.33 -8.26
N GLU A 94 9.84 0.12 -8.71
CA GLU A 94 9.87 -0.17 -10.15
C GLU A 94 8.72 0.49 -10.88
N PHE A 95 7.51 0.49 -10.28
CA PHE A 95 6.36 1.16 -10.85
C PHE A 95 6.64 2.64 -11.12
N ALA A 96 7.35 3.30 -10.19
CA ALA A 96 7.53 4.74 -10.34
C ALA A 96 8.28 5.10 -11.61
N LYS A 97 9.05 4.17 -12.17
CA LYS A 97 9.75 4.48 -13.44
C LYS A 97 8.78 4.79 -14.56
N ALA A 98 7.52 4.35 -14.48
CA ALA A 98 6.56 4.60 -15.52
C ALA A 98 5.98 6.00 -15.47
N ILE A 99 6.19 6.74 -14.38
CA ILE A 99 5.57 8.05 -14.19
C ILE A 99 6.40 9.07 -14.95
N PRO A 100 5.81 9.81 -15.90
CA PRO A 100 6.59 10.77 -16.68
C PRO A 100 7.33 11.73 -15.78
N GLY A 101 8.62 11.81 -15.99
CA GLY A 101 9.46 12.73 -15.29
C GLY A 101 10.16 12.16 -14.09
N PHE A 102 9.67 11.04 -13.54
CA PHE A 102 10.22 10.55 -12.28
C PHE A 102 11.66 10.09 -12.46
N ALA A 103 11.93 9.31 -13.50
CA ALA A 103 13.28 8.81 -13.75
C ALA A 103 14.26 9.92 -14.19
N ASN A 104 13.76 11.10 -14.56
CA ASN A 104 14.62 12.23 -14.89
C ASN A 104 15.02 13.06 -13.68
N LEU A 105 14.41 12.81 -12.52
CA LEU A 105 14.79 13.54 -11.33
C LEU A 105 16.12 13.05 -10.78
N ASP A 106 16.76 13.92 -9.99
N ASP A 106 16.75 13.91 -9.99
CA ASP A 106 17.93 13.50 -9.24
CA ASP A 106 17.94 13.51 -9.23
C ASP A 106 17.60 12.27 -8.38
C ASP A 106 17.61 12.30 -8.36
N LEU A 107 18.57 11.38 -8.25
CA LEU A 107 18.36 10.19 -7.45
C LEU A 107 17.88 10.51 -6.04
N ASN A 108 18.41 11.58 -5.44
CA ASN A 108 18.02 11.89 -4.07
C ASN A 108 16.55 12.27 -3.95
N ASP A 109 16.04 12.98 -4.97
CA ASP A 109 14.61 13.34 -4.98
C ASP A 109 13.74 12.11 -5.23
N GLN A 110 14.19 11.20 -6.11
CA GLN A 110 13.45 9.94 -6.26
C GLN A 110 13.34 9.22 -4.93
N VAL A 111 14.44 9.21 -4.17
CA VAL A 111 14.42 8.53 -2.88
C VAL A 111 13.44 9.22 -1.92
N THR A 112 13.47 10.54 -1.86
CA THR A 112 12.58 11.28 -0.97
C THR A 112 11.12 11.05 -1.33
N LEU A 113 10.79 11.14 -2.62
CA LEU A 113 9.41 10.92 -3.01
C LEU A 113 8.94 9.52 -2.61
N LEU A 114 9.79 8.51 -2.83
CA LEU A 114 9.41 7.14 -2.44
C LEU A 114 9.31 7.01 -0.93
N LYS A 115 10.25 7.63 -0.20
CA LYS A 115 10.25 7.58 1.26
C LYS A 115 8.89 7.99 1.83
N TYR A 116 8.36 9.13 1.39
CA TYR A 116 7.11 9.66 1.92
C TYR A 116 5.89 9.04 1.28
N GLY A 117 6.02 8.59 0.03
CA GLY A 117 4.85 8.09 -0.66
C GLY A 117 4.55 6.62 -0.45
N VAL A 118 5.55 5.79 -0.14
CA VAL A 118 5.28 4.34 -0.20
C VAL A 118 4.17 3.92 0.76
N TYR A 119 4.18 4.40 2.02
CA TYR A 119 3.15 3.93 2.94
C TYR A 119 1.77 4.47 2.58
N GLU A 120 1.68 5.68 2.03
CA GLU A 120 0.38 6.15 1.56
C GLU A 120 -0.13 5.24 0.46
N ALA A 121 0.76 4.87 -0.48
CA ALA A 121 0.38 3.95 -1.54
C ALA A 121 0.05 2.57 -0.99
N ILE A 122 0.84 2.07 -0.02
CA ILE A 122 0.58 0.76 0.57
C ILE A 122 -0.84 0.72 1.15
N PHE A 123 -1.21 1.73 1.91
CA PHE A 123 -2.52 1.66 2.54
C PHE A 123 -3.66 1.88 1.54
N ALA A 124 -3.41 2.67 0.48
CA ALA A 124 -4.43 2.78 -0.57
C ALA A 124 -4.66 1.43 -1.23
N MET A 125 -3.57 0.75 -1.62
CA MET A 125 -3.70 -0.52 -2.32
C MET A 125 -4.13 -1.65 -1.40
N LEU A 126 -3.84 -1.55 -0.11
CA LEU A 126 -4.31 -2.57 0.83
C LEU A 126 -5.83 -2.70 0.80
N SER A 127 -6.52 -1.59 0.50
CA SER A 127 -7.97 -1.66 0.42
C SER A 127 -8.45 -2.72 -0.56
N SER A 128 -7.68 -2.96 -1.63
CA SER A 128 -8.09 -3.91 -2.65
C SER A 128 -8.17 -5.33 -2.13
N VAL A 129 -7.44 -5.67 -1.06
CA VAL A 129 -7.42 -7.02 -0.50
C VAL A 129 -8.24 -7.11 0.77
N MET A 130 -8.95 -6.05 1.14
CA MET A 130 -9.74 -6.02 2.34
C MET A 130 -11.23 -6.06 2.02
N ASN A 131 -11.97 -6.81 2.83
CA ASN A 131 -13.42 -6.62 2.95
C ASN A 131 -13.75 -6.40 4.42
N LYS A 132 -15.03 -6.29 4.74
CA LYS A 132 -15.38 -5.91 6.10
C LYS A 132 -15.04 -7.00 7.11
N ASP A 133 -14.72 -8.21 6.63
CA ASP A 133 -14.45 -9.35 7.51
C ASP A 133 -12.98 -9.72 7.63
N GLY A 134 -12.11 -9.23 6.76
CA GLY A 134 -10.73 -9.67 6.80
C GLY A 134 -9.99 -9.25 5.56
N MET A 135 -8.79 -9.81 5.41
CA MET A 135 -7.93 -9.38 4.32
C MET A 135 -7.06 -10.53 3.79
N LEU A 136 -6.74 -10.45 2.49
CA LEU A 136 -5.84 -11.43 1.90
C LEU A 136 -4.42 -11.12 2.28
N VAL A 137 -3.64 -12.17 2.54
CA VAL A 137 -2.23 -12.06 2.90
C VAL A 137 -1.45 -13.18 2.23
N ALA A 138 -0.12 -13.09 2.34
CA ALA A 138 0.77 -14.15 1.85
C ALA A 138 0.49 -14.49 0.39
N TYR A 139 0.59 -13.45 -0.45
CA TYR A 139 0.47 -13.61 -1.89
C TYR A 139 -0.84 -14.31 -2.25
N GLY A 140 -1.91 -13.92 -1.55
CA GLY A 140 -3.24 -14.44 -1.84
C GLY A 140 -3.54 -15.80 -1.27
N ASN A 141 -2.66 -16.36 -0.45
CA ASN A 141 -2.81 -17.71 0.09
C ASN A 141 -3.34 -17.77 1.51
N GLY A 142 -3.59 -16.63 2.14
CA GLY A 142 -4.25 -16.63 3.43
C GLY A 142 -5.30 -15.54 3.46
N PHE A 143 -6.29 -15.74 4.32
CA PHE A 143 -7.29 -14.71 4.60
C PHE A 143 -7.33 -14.60 6.10
N ILE A 144 -6.87 -13.46 6.65
CA ILE A 144 -6.85 -13.28 8.10
C ILE A 144 -8.01 -12.39 8.50
N THR A 145 -8.73 -12.77 9.56
CA THR A 145 -9.94 -12.03 9.86
C THR A 145 -9.63 -10.75 10.62
N ARG A 146 -10.49 -9.77 10.37
CA ARG A 146 -10.43 -8.49 11.07
C ARG A 146 -10.57 -8.69 12.57
N GLU A 147 -11.51 -9.56 12.97
CA GLU A 147 -11.71 -9.82 14.39
C GLU A 147 -10.47 -10.47 15.01
N PHE A 148 -9.78 -11.37 14.29
CA PHE A 148 -8.60 -11.98 14.87
C PHE A 148 -7.52 -10.94 15.11
N LEU A 149 -7.30 -10.05 14.14
CA LEU A 149 -6.31 -8.99 14.32
C LEU A 149 -6.67 -8.09 15.50
N LYS A 150 -7.96 -7.81 15.71
CA LYS A 150 -8.38 -7.01 16.85
C LYS A 150 -8.15 -7.73 18.17
N SER A 151 -8.06 -9.05 18.15
CA SER A 151 -7.93 -9.81 19.39
C SER A 151 -6.50 -9.89 19.88
N LEU A 152 -5.52 -9.45 19.09
CA LEU A 152 -4.13 -9.55 19.48
C LEU A 152 -3.86 -8.67 20.70
N ARG A 153 -2.78 -8.98 21.42
CA ARG A 153 -2.47 -8.12 22.54
C ARG A 153 -2.01 -6.75 22.06
N LYS A 154 -2.30 -5.75 22.89
CA LYS A 154 -1.79 -4.41 22.64
C LYS A 154 -0.27 -4.45 22.63
N PRO A 155 0.39 -3.68 21.77
CA PRO A 155 -0.17 -2.69 20.83
C PRO A 155 -0.51 -3.26 19.44
N PHE A 156 -0.33 -4.57 19.25
CA PHE A 156 -0.42 -5.13 17.92
C PHE A 156 -1.84 -5.13 17.38
N CYS A 157 -2.86 -5.20 18.23
CA CYS A 157 -4.24 -5.10 17.78
C CYS A 157 -4.58 -3.72 17.23
N ASP A 158 -3.71 -2.75 17.40
CA ASP A 158 -4.02 -1.39 16.99
C ASP A 158 -3.47 -1.07 15.60
N ILE A 159 -2.74 -2.00 14.98
CA ILE A 159 -2.11 -1.71 13.68
C ILE A 159 -3.17 -1.66 12.58
N MET A 160 -3.98 -2.71 12.44
CA MET A 160 -4.74 -2.86 11.21
C MET A 160 -6.09 -2.18 11.23
N GLU A 161 -6.72 -1.99 12.38
CA GLU A 161 -8.09 -1.50 12.38
C GLU A 161 -8.24 -0.16 11.67
N PRO A 162 -7.37 0.83 11.84
CA PRO A 162 -7.57 2.10 11.09
C PRO A 162 -7.42 1.91 9.59
N LYS A 163 -6.67 0.89 9.18
CA LYS A 163 -6.53 0.61 7.76
C LYS A 163 -7.79 -0.03 7.19
N PHE A 164 -8.43 -0.93 7.96
CA PHE A 164 -9.75 -1.41 7.55
C PHE A 164 -10.74 -0.25 7.46
N ASP A 165 -10.72 0.66 8.43
CA ASP A 165 -11.69 1.77 8.40
C ASP A 165 -11.50 2.62 7.15
N PHE A 166 -10.24 2.94 6.81
CA PHE A 166 -9.97 3.67 5.59
C PHE A 166 -10.48 2.87 4.39
N ALA A 167 -10.17 1.59 4.37
CA ALA A 167 -10.47 0.77 3.19
C ALA A 167 -11.97 0.62 2.96
N MET A 168 -12.78 0.50 4.02
CA MET A 168 -14.20 0.31 3.76
C MET A 168 -14.77 1.51 3.01
N LYS A 169 -14.35 2.71 3.38
CA LYS A 169 -14.84 3.90 2.68
C LYS A 169 -14.20 4.03 1.31
N PHE A 170 -12.91 3.70 1.20
CA PHE A 170 -12.25 3.80 -0.09
C PHE A 170 -12.86 2.82 -1.08
N ASN A 171 -13.14 1.59 -0.61
CA ASN A 171 -13.75 0.61 -1.51
C ASN A 171 -15.17 1.02 -1.93
N ALA A 172 -15.86 1.81 -1.11
CA ALA A 172 -17.21 2.22 -1.51
C ALA A 172 -17.20 3.18 -2.69
N LEU A 173 -16.04 3.76 -3.02
CA LEU A 173 -15.91 4.57 -4.23
C LEU A 173 -15.94 3.74 -5.50
N GLU A 174 -15.73 2.43 -5.38
CA GLU A 174 -15.82 1.51 -6.51
C GLU A 174 -14.82 1.86 -7.62
N LEU A 175 -13.60 2.17 -7.22
CA LEU A 175 -12.52 2.35 -8.19
C LEU A 175 -12.15 1.00 -8.79
N ASP A 176 -11.59 1.02 -9.99
CA ASP A 176 -10.98 -0.15 -10.56
C ASP A 176 -9.47 0.09 -10.66
N ASP A 177 -8.76 -0.92 -11.17
CA ASP A 177 -7.31 -0.84 -11.21
C ASP A 177 -6.82 0.29 -12.11
N SER A 178 -7.58 0.62 -13.17
CA SER A 178 -7.17 1.73 -14.00
C SER A 178 -7.16 3.05 -13.22
N ASP A 179 -8.09 3.21 -12.26
CA ASP A 179 -8.13 4.39 -11.42
C ASP A 179 -7.05 4.31 -10.34
N ILE A 180 -6.92 3.15 -9.71
CA ILE A 180 -6.00 3.02 -8.58
C ILE A 180 -4.57 3.23 -9.04
N SER A 181 -4.23 2.76 -10.23
CA SER A 181 -2.86 2.92 -10.72
C SER A 181 -2.49 4.40 -10.82
N LEU A 182 -3.41 5.21 -11.33
CA LEU A 182 -3.15 6.65 -11.44
C LEU A 182 -3.18 7.33 -10.08
N PHE A 183 -4.03 6.86 -9.17
CA PHE A 183 -4.03 7.44 -7.82
C PHE A 183 -2.70 7.17 -7.12
N VAL A 184 -2.17 5.94 -7.24
CA VAL A 184 -0.86 5.63 -6.68
C VAL A 184 0.24 6.49 -7.31
N ALA A 185 0.19 6.68 -8.65
CA ALA A 185 1.18 7.55 -9.27
C ALA A 185 1.07 8.97 -8.73
N ALA A 186 -0.15 9.46 -8.50
CA ALA A 186 -0.28 10.82 -7.97
C ALA A 186 0.23 10.92 -6.54
N ILE A 187 0.01 9.88 -5.72
CA ILE A 187 0.57 9.86 -4.38
C ILE A 187 2.08 10.06 -4.43
N ILE A 188 2.75 9.35 -5.34
CA ILE A 188 4.21 9.40 -5.37
C ILE A 188 4.68 10.81 -5.75
N CYS A 189 3.92 11.53 -6.57
CA CYS A 189 4.33 12.84 -7.11
C CYS A 189 3.75 13.98 -6.27
N CYS A 190 4.24 14.14 -5.06
CA CYS A 190 3.82 15.25 -4.22
C CYS A 190 4.98 16.23 -4.08
N GLY A 191 4.77 17.47 -4.52
CA GLY A 191 5.85 18.41 -4.47
C GLY A 191 6.12 19.02 -3.11
N ASP A 192 5.29 18.72 -2.11
CA ASP A 192 5.49 19.27 -0.78
C ASP A 192 6.17 18.31 0.19
N ARG A 193 6.77 17.23 -0.28
CA ARG A 193 7.44 16.35 0.66
C ARG A 193 8.64 17.09 1.27
N PRO A 194 8.92 16.85 2.54
CA PRO A 194 10.07 17.51 3.16
C PRO A 194 11.38 17.13 2.49
N GLY A 195 12.25 18.12 2.30
CA GLY A 195 13.60 17.89 1.87
C GLY A 195 13.81 17.71 0.38
N LEU A 196 12.82 17.96 -0.45
CA LEU A 196 13.04 17.85 -1.88
C LEU A 196 13.92 19.00 -2.35
N LEU A 197 14.73 18.71 -3.36
CA LEU A 197 15.66 19.68 -3.94
C LEU A 197 15.02 20.41 -5.09
N ASN A 198 14.54 19.66 -6.07
CA ASN A 198 13.99 20.25 -7.28
C ASN A 198 12.47 20.32 -7.19
N VAL A 199 12.00 21.17 -6.28
CA VAL A 199 10.56 21.29 -6.04
C VAL A 199 9.86 21.68 -7.33
N GLY A 200 10.46 22.60 -8.10
CA GLY A 200 9.76 23.07 -9.28
C GLY A 200 9.45 21.96 -10.26
N HIS A 201 10.45 21.13 -10.58
CA HIS A 201 10.21 20.07 -11.55
C HIS A 201 9.24 19.02 -10.99
N ILE A 202 9.31 18.75 -9.69
CA ILE A 202 8.37 17.80 -9.09
C ILE A 202 6.96 18.35 -9.15
N GLU A 203 6.78 19.64 -8.90
CA GLU A 203 5.44 20.21 -9.00
C GLU A 203 4.88 20.06 -10.41
N LYS A 204 5.72 20.22 -11.43
CA LYS A 204 5.22 20.04 -12.80
C LYS A 204 4.90 18.58 -13.07
N MET A 205 5.73 17.67 -12.55
N MET A 205 5.72 17.67 -12.56
CA MET A 205 5.43 16.23 -12.66
CA MET A 205 5.41 16.24 -12.69
C MET A 205 4.10 15.91 -12.02
C MET A 205 4.07 15.93 -12.02
N GLN A 206 3.87 16.45 -10.81
CA GLN A 206 2.60 16.28 -10.11
C GLN A 206 1.44 16.85 -10.92
N GLU A 207 1.59 18.09 -11.41
N GLU A 207 1.59 18.08 -11.43
CA GLU A 207 0.51 18.67 -12.21
CA GLU A 207 0.50 18.66 -12.19
C GLU A 207 0.15 17.76 -13.37
C GLU A 207 0.15 17.78 -13.38
N GLY A 208 1.17 17.20 -14.03
CA GLY A 208 0.90 16.36 -15.19
C GLY A 208 0.15 15.09 -14.84
N ILE A 209 0.59 14.39 -13.80
N ILE A 209 0.61 14.38 -13.81
CA ILE A 209 -0.06 13.13 -13.47
CA ILE A 209 -0.06 13.12 -13.45
C ILE A 209 -1.44 13.36 -12.90
C ILE A 209 -1.46 13.40 -12.94
N VAL A 210 -1.63 14.45 -12.14
CA VAL A 210 -2.95 14.76 -11.60
C VAL A 210 -3.92 15.12 -12.73
N HIS A 211 -3.42 15.78 -13.78
CA HIS A 211 -4.24 16.05 -14.95
C HIS A 211 -4.70 14.75 -15.61
N VAL A 212 -3.76 13.79 -15.80
CA VAL A 212 -4.10 12.46 -16.32
C VAL A 212 -5.18 11.81 -15.45
N LEU A 213 -4.99 11.86 -14.12
CA LEU A 213 -5.97 11.27 -13.18
C LEU A 213 -7.33 11.92 -13.32
N ARG A 214 -7.36 13.26 -13.34
N ARG A 214 -7.36 13.25 -13.35
CA ARG A 214 -8.61 14.00 -13.44
CA ARG A 214 -8.62 13.99 -13.43
C ARG A 214 -9.38 13.63 -14.69
C ARG A 214 -9.39 13.62 -14.70
N LEU A 215 -8.71 13.62 -15.85
CA LEU A 215 -9.40 13.28 -17.09
C LEU A 215 -9.86 11.84 -17.08
N HIS A 216 -9.04 10.94 -16.54
CA HIS A 216 -9.43 9.54 -16.52
C HIS A 216 -10.67 9.33 -15.67
N LEU A 217 -10.72 9.94 -14.49
CA LEU A 217 -11.89 9.79 -13.63
C LEU A 217 -13.14 10.35 -14.28
N GLN A 218 -13.01 11.49 -14.97
CA GLN A 218 -14.13 12.07 -15.70
C GLN A 218 -14.69 11.05 -16.69
N SER A 219 -13.80 10.39 -17.43
N SER A 219 -13.81 10.35 -17.40
CA SER A 219 -14.23 9.40 -18.44
CA SER A 219 -14.18 9.40 -18.44
C SER A 219 -14.78 8.13 -17.77
C SER A 219 -14.67 8.07 -17.87
N ASN A 220 -14.04 7.58 -16.81
CA ASN A 220 -14.34 6.26 -16.29
C ASN A 220 -15.47 6.26 -15.26
N HIS A 221 -15.72 7.41 -14.64
CA HIS A 221 -16.77 7.54 -13.62
C HIS A 221 -17.68 8.72 -13.90
N PRO A 222 -18.42 8.69 -15.02
CA PRO A 222 -19.30 9.82 -15.35
C PRO A 222 -20.40 10.02 -14.33
N ASP A 223 -20.70 8.97 -13.55
CA ASP A 223 -21.76 8.96 -12.55
C ASP A 223 -21.38 9.67 -11.25
N ASP A 224 -20.09 9.95 -11.02
CA ASP A 224 -19.65 10.51 -9.73
C ASP A 224 -18.84 11.76 -10.03
N ILE A 225 -19.53 12.90 -10.12
CA ILE A 225 -18.85 14.11 -10.61
C ILE A 225 -17.85 14.69 -9.60
N PHE A 226 -17.91 14.27 -8.34
CA PHE A 226 -16.98 14.72 -7.31
C PHE A 226 -15.89 13.71 -7.03
N LEU A 227 -15.73 12.68 -7.86
CA LEU A 227 -14.75 11.66 -7.52
C LEU A 227 -13.34 12.22 -7.43
N PHE A 228 -12.98 13.14 -8.30
CA PHE A 228 -11.62 13.70 -8.22
C PHE A 228 -11.38 14.39 -6.88
N PRO A 229 -12.19 15.35 -6.43
CA PRO A 229 -11.93 15.93 -5.11
C PRO A 229 -12.07 14.92 -3.97
N LYS A 230 -12.93 13.90 -4.10
CA LYS A 230 -12.95 12.86 -3.08
C LYS A 230 -11.59 12.21 -2.96
N LEU A 231 -10.93 11.97 -4.10
CA LEU A 231 -9.63 11.29 -4.07
C LEU A 231 -8.52 12.23 -3.58
N LEU A 232 -8.60 13.52 -3.90
CA LEU A 232 -7.67 14.45 -3.28
C LEU A 232 -7.78 14.39 -1.76
N GLN A 233 -9.01 14.32 -1.24
CA GLN A 233 -9.18 14.21 0.19
C GLN A 233 -8.63 12.89 0.70
N LYS A 234 -8.85 11.80 -0.03
CA LYS A 234 -8.29 10.53 0.41
C LYS A 234 -6.77 10.60 0.50
N MET A 235 -6.12 11.34 -0.38
CA MET A 235 -4.67 11.48 -0.27
C MET A 235 -4.26 12.16 1.03
N ALA A 236 -4.99 13.22 1.41
CA ALA A 236 -4.71 13.85 2.69
C ALA A 236 -5.01 12.90 3.84
N ASP A 237 -6.11 12.16 3.75
CA ASP A 237 -6.43 11.20 4.80
C ASP A 237 -5.31 10.18 4.93
N LEU A 238 -4.74 9.74 3.81
CA LEU A 238 -3.64 8.75 3.86
C LEU A 238 -2.40 9.33 4.50
N ARG A 239 -2.11 10.60 4.24
CA ARG A 239 -0.96 11.19 4.90
C ARG A 239 -1.14 11.14 6.42
N GLN A 240 -2.35 11.44 6.89
N GLN A 240 -2.34 11.49 6.89
CA GLN A 240 -2.57 11.40 8.34
CA GLN A 240 -2.57 11.41 8.32
C GLN A 240 -2.56 9.98 8.87
C GLN A 240 -2.47 9.97 8.81
N LEU A 241 -3.06 9.02 8.07
CA LEU A 241 -2.99 7.61 8.48
C LEU A 241 -1.54 7.15 8.61
N VAL A 242 -0.68 7.59 7.70
CA VAL A 242 0.73 7.20 7.76
C VAL A 242 1.43 7.86 8.95
N THR A 243 1.13 9.15 9.21
CA THR A 243 1.74 9.79 10.36
C THR A 243 1.41 9.01 11.63
N GLU A 244 0.14 8.64 11.78
CA GLU A 244 -0.28 7.89 12.95
C GLU A 244 0.34 6.50 12.97
N HIS A 245 0.43 5.85 11.80
CA HIS A 245 1.03 4.53 11.75
C HIS A 245 2.49 4.58 12.17
N ALA A 246 3.23 5.58 11.69
CA ALA A 246 4.65 5.71 12.05
C ALA A 246 4.79 5.91 13.56
N GLN A 247 3.87 6.64 14.17
CA GLN A 247 3.94 6.82 15.62
C GLN A 247 3.75 5.50 16.35
N LEU A 248 2.82 4.66 15.88
CA LEU A 248 2.62 3.36 16.50
C LEU A 248 3.82 2.45 16.29
N VAL A 249 4.42 2.47 15.10
CA VAL A 249 5.61 1.67 14.87
C VAL A 249 6.74 2.09 15.81
N GLN A 250 6.86 3.39 16.10
CA GLN A 250 7.90 3.83 17.03
C GLN A 250 7.62 3.33 18.44
N ILE A 251 6.35 3.31 18.87
CA ILE A 251 6.01 2.71 20.16
C ILE A 251 6.46 1.26 20.18
N ILE A 252 6.12 0.52 19.13
CA ILE A 252 6.54 -0.89 19.08
C ILE A 252 8.06 -1.00 19.16
N LYS A 253 8.77 -0.15 18.42
CA LYS A 253 10.23 -0.16 18.47
C LYS A 253 10.75 0.07 19.89
N LYS A 254 10.18 1.05 20.60
CA LYS A 254 10.70 1.41 21.92
C LYS A 254 10.36 0.37 22.97
N THR A 255 9.24 -0.33 22.81
CA THR A 255 8.68 -1.11 23.91
C THR A 255 8.65 -2.60 23.64
N GLU A 256 8.93 -3.05 22.41
CA GLU A 256 8.81 -4.47 22.06
C GLU A 256 10.16 -4.96 21.49
N SER A 257 10.99 -5.52 22.38
CA SER A 257 12.38 -5.84 22.02
C SER A 257 12.47 -6.92 20.95
N ASP A 258 11.47 -7.80 20.86
CA ASP A 258 11.52 -8.87 19.87
C ASP A 258 11.02 -8.45 18.49
N ALA A 259 10.43 -7.27 18.37
CA ALA A 259 9.78 -6.87 17.14
C ALA A 259 10.79 -6.13 16.27
N ALA A 260 11.78 -6.88 15.82
CA ALA A 260 12.85 -6.28 15.03
C ALA A 260 12.28 -5.64 13.79
N LEU A 261 12.69 -4.40 13.53
CA LEU A 261 12.28 -3.65 12.35
C LEU A 261 13.27 -3.85 11.23
N HIS A 262 12.77 -4.22 10.05
CA HIS A 262 13.61 -4.46 8.89
C HIS A 262 14.37 -3.19 8.51
N PRO A 263 15.65 -3.31 8.13
CA PRO A 263 16.45 -2.10 7.91
C PRO A 263 15.92 -1.20 6.81
N LEU A 264 15.26 -1.75 5.78
CA LEU A 264 14.73 -0.88 4.74
C LEU A 264 13.61 -0.01 5.29
N LEU A 265 12.78 -0.59 6.17
CA LEU A 265 11.67 0.16 6.74
C LEU A 265 12.17 1.13 7.79
N GLN A 266 13.19 0.76 8.56
N GLN A 266 13.18 0.75 8.57
CA GLN A 266 13.74 1.72 9.50
CA GLN A 266 13.77 1.70 9.50
C GLN A 266 14.23 2.97 8.77
C GLN A 266 14.21 2.96 8.76
N GLU A 267 14.83 2.79 7.61
CA GLU A 267 15.29 3.95 6.84
C GLU A 267 14.12 4.76 6.33
N ILE A 268 13.05 4.12 5.88
CA ILE A 268 11.87 4.88 5.46
C ILE A 268 11.36 5.73 6.61
N TYR A 269 11.22 5.12 7.80
CA TYR A 269 10.66 5.86 8.92
C TYR A 269 11.60 6.94 9.47
N ARG A 270 12.91 6.80 9.26
CA ARG A 270 13.87 7.70 9.91
C ARG A 270 13.70 9.12 9.43
N ASP A 271 13.47 10.05 10.34
CA ASP A 271 13.29 11.46 9.99
C ASP A 271 12.04 11.67 9.14
N MET A 272 11.11 10.73 9.13
CA MET A 272 9.95 10.92 8.27
C MET A 272 9.02 12.00 8.80
N TYR A 273 8.42 11.77 9.98
CA TYR A 273 7.49 12.74 10.55
C TYR A 273 7.85 13.09 11.99
C1 GOL B . -12.49 -6.40 -1.93
O1 GOL B . -13.32 -6.28 -0.81
C2 GOL B . -12.17 -5.03 -2.49
O2 GOL B . -11.47 -5.23 -3.71
C3 GOL B . -13.43 -4.18 -2.69
O3 GOL B . -14.37 -4.82 -3.53
H11 GOL B . -11.67 -6.85 -1.68
H12 GOL B . -12.94 -6.93 -2.61
HO1 GOL B . -13.59 -7.04 -0.57
H2 GOL B . -11.58 -4.58 -1.87
HO2 GOL B . -11.05 -5.96 -3.67
H31 GOL B . -13.17 -3.33 -3.09
H32 GOL B . -13.84 -4.01 -1.83
HO3 GOL B . -15.00 -4.28 -3.71
C1 STE C . 5.15 -1.79 8.61
O1 STE C . 5.68 -1.99 7.49
O2 STE C . 5.10 -0.65 9.13
C2 STE C . 4.55 -3.02 9.30
C3 STE C . 3.04 -2.86 9.44
C4 STE C . 2.38 -2.82 8.05
C5 STE C . 0.87 -2.97 8.21
C6 STE C . 0.23 -3.55 6.95
C7 STE C . 0.60 -5.02 6.74
C8 STE C . -0.32 -5.67 5.69
C9 STE C . -0.10 -7.20 5.60
C10 STE C . -0.69 -7.95 6.81
C11 STE C . -0.11 -9.37 7.02
C12 STE C . -0.79 -9.99 8.26
C13 STE C . -0.04 -11.15 8.92
C14 STE C . -0.30 -12.43 8.15
C15 STE C . 0.24 -13.69 8.85
C16 STE C . 0.18 -14.82 7.82
C17 STE C . 0.84 -16.08 8.33
C18 STE C . 0.92 -17.07 7.16
H21 STE C . 4.94 -3.10 10.18
H22 STE C . 4.75 -3.81 8.79
H31 STE C . 2.69 -3.62 9.93
H32 STE C . 2.84 -2.04 9.91
H41 STE C . 2.59 -1.97 7.63
H42 STE C . 2.72 -3.54 7.51
H51 STE C . 0.48 -2.09 8.39
H52 STE C . 0.68 -3.55 8.96
H61 STE C . -0.73 -3.47 7.02
H62 STE C . 0.54 -3.03 6.18
H71 STE C . 1.51 -5.08 6.43
H72 STE C . 0.52 -5.50 7.57
H81 STE C . -1.25 -5.50 5.93
H82 STE C . -0.15 -5.28 4.81
H91 STE C . 0.85 -7.37 5.55
H92 STE C . -0.52 -7.53 4.79
H101 STE C . -1.65 -8.03 6.70
H102 STE C . -0.52 -7.43 7.62
H111 STE C . 0.85 -9.31 7.17
H112 STE C . -0.29 -9.91 6.23
H121 STE C . -0.92 -9.30 8.92
H122 STE C . -1.66 -10.31 7.99
H131 STE C . 0.91 -10.97 8.93
H132 STE C . -0.36 -11.26 9.83
H141 STE C . -1.26 -12.54 8.03
H142 STE C . 0.11 -12.36 7.27
H151 STE C . -0.30 -13.91 9.62
H152 STE C . 1.17 -13.54 9.12
H161 STE C . -0.75 -15.01 7.63
H162 STE C . 0.62 -14.52 7.02
H171 STE C . 0.31 -16.48 9.04
H172 STE C . 1.74 -15.89 8.65
H181 STE C . 1.39 -16.65 6.42
H182 STE C . 1.39 -17.87 7.45
H183 STE C . 0.03 -17.30 6.88
#